data_6YHG
#
_entry.id   6YHG
#
_cell.length_a   70.250
_cell.length_b   71.251
_cell.length_c   72.742
_cell.angle_alpha   90.000
_cell.angle_beta   100.610
_cell.angle_gamma   90.000
#
_symmetry.space_group_name_H-M   'C 1 2 1'
#
loop_
_entity.id
_entity.type
_entity.pdbx_description
1 polymer Prothrombin
2 polymer Prothrombin
3 polymer 'Hirudin variant-2'
4 non-polymer 'PHOSPHATE ION'
5 non-polymer 'SODIUM ION'
6 non-polymer 2-acetamido-2-deoxy-beta-D-glucopyranose
7 non-polymer GLYCEROL
8 non-polymer D-PHENYLALANINE
9 non-polymer PROLINE
10 non-polymer 1-(3-methoxyphenyl)methanamine
11 water water
#
loop_
_entity_poly.entity_id
_entity_poly.type
_entity_poly.pdbx_seq_one_letter_code
_entity_poly.pdbx_strand_id
1 'polypeptide(L)' TFGSGEADCGLRPLFEKKSLEDKTERELLESYIDGR L
2 'polypeptide(L)'
;IVEGSDAEIGMSPWQVMLFRKSPQELLCGASLISDRWVLTAAHCLLYPPWDKNFTENDLLVRIGKHSRTRYERNIEKISM
LEKIYIHPRYNWRENLDRDIALMKLKKPVAFSDYIHPVCLPDRETAASLLQAGYKGRVTGWGNLKETWTANVGKGQPSVL
QVVNLPIVERPVCKDSTRIRITDNMFCAGYKPDEGKRGDACEGDSGGPFVMKSPFNNRWYQMGIVSWGEGCDRDGKYGFY
THVFRLKKWIQKVIDQFGE
;
H
3 'polypeptide(L)' GDFEEIPEE(TYS)LQ I
#
loop_
_chem_comp.id
_chem_comp.type
_chem_comp.name
_chem_comp.formula
GOL non-polymer GLYCEROL 'C3 H8 O3'
NA non-polymer 'SODIUM ION' 'Na 1'
NAG D-saccharide, beta linking 2-acetamido-2-deoxy-beta-D-glucopyranose 'C8 H15 N O6'
PO4 non-polymer 'PHOSPHATE ION' 'O4 P -3'
SZ4 non-polymer 1-(3-methoxyphenyl)methanamine 'C8 H11 N O'
#
# COMPACT_ATOMS: atom_id res chain seq x y z
N GLU A 6 9.43 13.90 3.98
CA GLU A 6 9.05 15.16 4.68
C GLU A 6 9.26 15.01 6.18
N ALA A 7 9.62 16.12 6.84
CA ALA A 7 9.88 16.07 8.27
C ALA A 7 8.65 15.65 9.07
N ASP A 8 7.47 15.78 8.47
N ASP A 8 7.43 15.83 8.53
CA ASP A 8 6.19 15.52 9.11
CA ASP A 8 6.21 15.46 9.24
C ASP A 8 5.61 14.20 8.67
C ASP A 8 5.62 14.15 8.73
N CYS A 9 6.38 13.38 7.96
CA CYS A 9 5.81 12.16 7.39
C CYS A 9 5.34 11.24 8.50
N GLY A 10 4.30 10.48 8.20
CA GLY A 10 3.89 9.41 9.09
C GLY A 10 3.17 9.84 10.35
N LEU A 11 2.84 11.13 10.48
CA LEU A 11 2.11 11.66 11.63
C LEU A 11 0.76 12.14 11.12
N ARG A 12 -0.29 11.42 11.47
CA ARG A 12 -1.61 11.68 10.88
C ARG A 12 -2.28 12.90 11.51
N PRO A 13 -2.81 13.81 10.71
CA PRO A 13 -3.49 14.99 11.28
C PRO A 13 -4.57 14.64 12.29
N LEU A 14 -5.36 13.59 12.05
CA LEU A 14 -6.49 13.31 12.93
C LEU A 14 -6.16 12.33 14.05
N PHE A 15 -4.90 11.88 14.13
CA PHE A 15 -4.48 10.95 15.17
C PHE A 15 -3.24 11.46 15.87
N GLU A 16 -2.04 11.16 15.38
CA GLU A 16 -0.84 11.53 16.10
C GLU A 16 -0.76 13.03 16.34
N LYS A 17 -1.12 13.83 15.32
N LYS A 17 -1.22 13.85 15.38
CA LYS A 17 -0.95 15.28 15.44
CA LYS A 17 -1.10 15.28 15.57
C LYS A 17 -1.72 15.84 16.63
C LYS A 17 -2.04 15.82 16.64
N LYS A 18 -2.84 15.20 17.00
N LYS A 18 -3.08 15.07 16.99
CA LYS A 18 -3.71 15.65 18.09
CA LYS A 18 -3.99 15.45 18.07
C LYS A 18 -3.75 14.67 19.25
C LYS A 18 -3.77 14.63 19.32
N SER A 19 -2.77 13.76 19.32
CA SER A 19 -2.63 12.76 20.38
C SER A 19 -3.91 11.93 20.58
N LEU A 20 -4.50 11.50 19.48
CA LEU A 20 -5.59 10.54 19.50
C LEU A 20 -5.11 9.24 18.85
N GLU A 21 -5.55 8.13 19.40
CA GLU A 21 -5.18 6.82 18.87
C GLU A 21 -6.35 6.22 18.11
N ASP A 22 -6.03 5.47 17.05
CA ASP A 22 -7.07 4.73 16.35
C ASP A 22 -7.41 3.45 17.10
N LYS A 23 -8.44 2.76 16.65
CA LYS A 23 -9.02 1.69 17.45
C LYS A 23 -8.19 0.43 17.49
N THR A 24 -7.22 0.25 16.59
CA THR A 24 -6.44 -0.99 16.59
C THR A 24 -4.93 -0.81 16.58
N GLU A 25 -4.41 0.42 16.66
CA GLU A 25 -2.96 0.57 16.63
C GLU A 25 -2.31 -0.08 17.83
N ARG A 26 -3.02 -0.19 18.96
CA ARG A 26 -2.45 -0.89 20.10
C ARG A 26 -2.11 -2.35 19.80
N GLU A 27 -2.89 -3.01 18.94
CA GLU A 27 -2.60 -4.38 18.54
C GLU A 27 -1.22 -4.45 17.87
N LEU A 28 -0.88 -3.44 17.08
CA LEU A 28 0.45 -3.40 16.48
C LEU A 28 1.50 -3.24 17.58
N LEU A 29 1.31 -2.27 18.46
CA LEU A 29 2.30 -2.02 19.50
C LEU A 29 2.56 -3.27 20.33
N GLU A 30 1.50 -3.98 20.70
CA GLU A 30 1.64 -5.17 21.53
C GLU A 30 2.44 -6.27 20.85
N SER A 31 2.47 -6.29 19.51
CA SER A 31 3.24 -7.27 18.77
C SER A 31 4.72 -6.91 18.69
N TYR A 32 5.12 -5.69 19.05
CA TYR A 32 6.49 -5.23 18.89
C TYR A 32 7.21 -5.55 20.20
N ILE A 33 7.75 -6.75 20.32
N ILE A 33 7.63 -6.80 20.30
CA ILE A 33 8.13 -7.24 21.66
CA ILE A 33 8.22 -7.37 21.51
C ILE A 33 9.59 -7.00 22.02
C ILE A 33 9.74 -7.29 21.40
N ASP A 34 10.27 -6.07 21.33
CA ASP A 34 11.70 -5.83 21.52
C ASP A 34 11.97 -4.34 21.73
N GLY A 35 12.97 -4.04 22.56
CA GLY A 35 13.25 -2.68 22.98
C GLY A 35 12.35 -2.17 24.08
N ARG A 36 11.31 -2.91 24.44
CA ARG A 36 10.42 -2.50 25.52
C ARG A 36 10.96 -3.01 26.86
N ILE B 1 -9.76 -6.29 0.66
CA ILE B 1 -9.33 -6.77 1.97
C ILE B 1 -10.35 -7.76 2.50
N VAL B 2 -9.88 -8.97 2.84
CA VAL B 2 -10.74 -10.03 3.36
C VAL B 2 -10.62 -10.04 4.87
N GLU B 3 -11.75 -10.07 5.56
CA GLU B 3 -11.80 -10.22 7.02
C GLU B 3 -11.16 -9.03 7.74
N GLY B 4 -11.26 -7.85 7.14
CA GLY B 4 -10.88 -6.60 7.77
C GLY B 4 -12.09 -5.85 8.28
N SER B 5 -11.91 -4.54 8.48
CA SER B 5 -12.96 -3.68 9.00
C SER B 5 -12.91 -2.34 8.28
N ASP B 6 -13.99 -1.57 8.41
CA ASP B 6 -14.00 -0.22 7.86
C ASP B 6 -12.92 0.62 8.53
N ALA B 7 -12.17 1.36 7.73
CA ALA B 7 -11.23 2.34 8.26
C ALA B 7 -11.96 3.46 8.99
N GLU B 8 -11.28 4.03 9.98
CA GLU B 8 -11.71 5.30 10.56
C GLU B 8 -11.37 6.45 9.62
N ILE B 9 -12.10 7.56 9.75
CA ILE B 9 -11.81 8.76 8.98
C ILE B 9 -10.39 9.23 9.27
N GLY B 10 -9.61 9.46 8.23
CA GLY B 10 -8.26 9.93 8.38
C GLY B 10 -7.26 8.91 8.88
N MET B 11 -7.64 7.64 8.93
CA MET B 11 -6.78 6.61 9.51
C MET B 11 -5.56 6.30 8.65
N SER B 12 -5.70 6.51 7.34
N SER B 12 -5.71 6.43 7.33
CA SER B 12 -4.67 6.14 6.37
CA SER B 12 -4.64 6.14 6.37
C SER B 12 -4.58 7.26 5.34
C SER B 12 -4.60 7.27 5.36
N PRO B 13 -4.09 8.45 5.75
CA PRO B 13 -4.20 9.63 4.87
C PRO B 13 -3.23 9.61 3.72
N TRP B 14 -2.33 8.63 3.70
CA TRP B 14 -1.45 8.37 2.58
C TRP B 14 -2.06 7.41 1.56
N GLN B 15 -3.26 6.91 1.81
N GLN B 15 -3.25 6.87 1.81
CA GLN B 15 -3.90 6.01 0.87
CA GLN B 15 -3.81 5.89 0.87
C GLN B 15 -4.13 6.72 -0.46
C GLN B 15 -4.25 6.59 -0.42
N VAL B 16 -3.85 6.02 -1.55
CA VAL B 16 -4.13 6.55 -2.88
C VAL B 16 -4.91 5.49 -3.65
N MET B 17 -5.89 5.94 -4.44
CA MET B 17 -6.60 5.08 -5.37
C MET B 17 -6.09 5.38 -6.77
N LEU B 18 -5.61 4.35 -7.46
N LEU B 18 -5.61 4.36 -7.46
CA LEU B 18 -5.29 4.45 -8.89
CA LEU B 18 -5.34 4.50 -8.88
C LEU B 18 -6.58 4.17 -9.66
C LEU B 18 -6.61 4.19 -9.62
N PHE B 19 -6.98 5.11 -10.52
CA PHE B 19 -8.30 5.11 -11.12
C PHE B 19 -8.16 5.16 -12.62
N ARG B 20 -8.82 4.21 -13.30
CA ARG B 20 -8.81 4.18 -14.74
C ARG B 20 -9.79 5.21 -15.27
N LYS B 21 -9.35 5.97 -16.28
CA LYS B 21 -10.19 7.02 -16.86
C LYS B 21 -11.35 6.45 -17.67
N SER B 22 -11.08 5.45 -18.50
CA SER B 22 -12.11 4.94 -19.41
C SER B 22 -11.84 3.47 -19.65
N PRO B 23 -12.69 2.55 -19.17
CA PRO B 23 -13.86 2.79 -18.32
C PRO B 23 -13.44 3.26 -16.93
N GLN B 24 -14.28 4.08 -16.29
CA GLN B 24 -14.00 4.59 -14.96
C GLN B 24 -14.11 3.45 -13.96
N GLU B 25 -12.98 3.05 -13.36
CA GLU B 25 -12.97 1.92 -12.45
C GLU B 25 -11.71 1.95 -11.62
N LEU B 26 -11.77 1.26 -10.47
N LEU B 26 -11.74 1.22 -10.50
CA LEU B 26 -10.58 1.06 -9.64
CA LEU B 26 -10.58 1.14 -9.63
C LEU B 26 -9.56 0.27 -10.42
C LEU B 26 -9.55 0.22 -10.25
N LEU B 27 -8.31 0.71 -10.38
CA LEU B 27 -7.21 -0.07 -10.90
C LEU B 27 -6.35 -0.70 -9.83
N CYS B 28 -6.10 -0.01 -8.72
CA CYS B 28 -5.15 -0.46 -7.73
C CYS B 28 -5.17 0.51 -6.57
N GLY B 29 -4.51 0.10 -5.50
CA GLY B 29 -4.08 1.02 -4.47
C GLY B 29 -2.70 1.56 -4.74
N ALA B 30 -2.28 2.45 -3.84
CA ALA B 30 -1.01 3.17 -3.94
C ALA B 30 -0.87 3.99 -2.67
N SER B 31 0.26 4.68 -2.50
CA SER B 31 0.49 5.47 -1.30
C SER B 31 1.21 6.77 -1.65
N LEU B 32 0.94 7.78 -0.84
CA LEU B 32 1.54 9.10 -1.01
C LEU B 32 2.80 9.19 -0.17
N ILE B 33 3.94 9.46 -0.81
CA ILE B 33 5.22 9.54 -0.11
C ILE B 33 5.81 10.95 -0.10
N SER B 34 5.22 11.89 -0.83
CA SER B 34 5.60 13.31 -0.75
C SER B 34 4.48 14.06 -1.45
N ASP B 35 4.64 15.38 -1.61
CA ASP B 35 3.57 16.12 -2.28
C ASP B 35 3.49 15.86 -3.78
N ARG B 36 4.48 15.14 -4.35
N ARG B 36 4.46 15.14 -4.37
CA ARG B 36 4.52 14.94 -5.79
CA ARG B 36 4.44 14.92 -5.80
C ARG B 36 4.74 13.49 -6.19
C ARG B 36 4.76 13.49 -6.20
N TRP B 37 4.97 12.57 -5.26
CA TRP B 37 5.33 11.20 -5.59
C TRP B 37 4.37 10.21 -4.94
N VAL B 38 3.97 9.22 -5.72
CA VAL B 38 3.10 8.14 -5.31
C VAL B 38 3.79 6.81 -5.60
N LEU B 39 3.72 5.90 -4.63
CA LEU B 39 4.33 4.60 -4.71
C LEU B 39 3.26 3.54 -4.95
N THR B 40 3.53 2.56 -5.81
CA THR B 40 2.60 1.48 -6.07
C THR B 40 3.38 0.24 -6.48
N ALA B 41 2.63 -0.82 -6.82
CA ALA B 41 3.22 -2.05 -7.36
C ALA B 41 3.40 -1.90 -8.86
N ALA B 42 4.52 -2.42 -9.37
CA ALA B 42 4.73 -2.43 -10.82
C ALA B 42 3.62 -3.17 -11.56
N HIS B 43 3.11 -4.26 -10.99
CA HIS B 43 2.08 -5.04 -11.69
C HIS B 43 0.76 -4.30 -11.83
N CYS B 44 0.59 -3.19 -11.10
CA CYS B 44 -0.57 -2.33 -11.30
C CYS B 44 -0.52 -1.61 -12.63
N LEU B 45 0.68 -1.42 -13.18
CA LEU B 45 0.88 -0.67 -14.40
C LEU B 45 1.33 -1.54 -15.57
N LEU B 46 2.08 -2.61 -15.29
CA LEU B 46 2.68 -3.44 -16.32
C LEU B 46 2.55 -4.90 -15.93
N TYR B 47 1.76 -5.65 -16.69
CA TYR B 47 1.65 -7.10 -16.49
C TYR B 47 1.26 -7.74 -17.82
N PRO B 48 2.24 -8.03 -18.67
CA PRO B 48 1.94 -8.52 -20.03
C PRO B 48 1.11 -9.79 -20.08
N PRO B 49 1.24 -10.72 -19.13
CA PRO B 49 0.39 -11.91 -19.21
C PRO B 49 -1.10 -11.61 -19.26
N TRP B 50 -1.51 -10.46 -18.70
CA TRP B 50 -2.90 -10.02 -18.71
C TRP B 50 -3.11 -8.82 -19.64
N ASP B 51 -2.18 -8.56 -20.54
N ASP B 51 -2.22 -8.62 -20.59
CA ASP B 51 -2.30 -7.51 -21.53
CA ASP B 51 -2.31 -7.50 -21.53
C ASP B 51 -2.36 -6.12 -20.89
C ASP B 51 -2.54 -6.18 -20.79
N LYS B 52 -1.76 -5.98 -19.71
N LYS B 52 -1.73 -5.95 -19.77
CA LYS B 52 -1.79 -4.73 -18.97
CA LYS B 52 -1.79 -4.73 -18.99
C LYS B 52 -0.51 -3.95 -19.23
C LYS B 52 -0.51 -3.94 -19.22
N ASN B 53 -0.64 -2.73 -19.73
CA ASN B 53 0.49 -1.85 -19.95
C ASN B 53 -0.01 -0.41 -20.03
N PHE B 54 -0.23 0.18 -18.85
CA PHE B 54 -0.85 1.50 -18.79
C PHE B 54 0.19 2.59 -19.05
N THR B 55 -0.26 3.65 -19.69
CA THR B 55 0.52 4.87 -19.85
C THR B 55 -0.04 5.94 -18.93
N GLU B 56 0.72 7.02 -18.78
CA GLU B 56 0.34 8.09 -17.85
C GLU B 56 -1.07 8.61 -18.12
N ASN B 57 -1.42 8.80 -19.41
CA ASN B 57 -2.69 9.43 -19.74
C ASN B 57 -3.88 8.51 -19.53
N ASP B 58 -3.65 7.22 -19.23
CA ASP B 58 -4.73 6.28 -19.00
C ASP B 58 -5.34 6.40 -17.61
N LEU B 59 -4.68 7.11 -16.69
CA LEU B 59 -4.87 6.93 -15.26
C LEU B 59 -5.00 8.28 -14.55
N LEU B 60 -5.68 8.22 -13.41
CA LEU B 60 -5.69 9.31 -12.44
C LEU B 60 -5.37 8.75 -11.07
N VAL B 61 -4.87 9.59 -10.18
N VAL B 61 -5.00 9.65 -10.17
CA VAL B 61 -4.78 9.21 -8.77
CA VAL B 61 -4.68 9.35 -8.76
C VAL B 61 -5.78 10.03 -8.00
C VAL B 61 -5.68 10.11 -7.88
N ARG B 62 -6.42 9.38 -7.05
CA ARG B 62 -7.44 9.97 -6.18
C ARG B 62 -6.94 9.83 -4.74
N ILE B 63 -6.76 10.96 -4.06
CA ILE B 63 -6.09 11.02 -2.77
C ILE B 63 -7.07 11.60 -1.76
N GLY B 64 -6.99 11.14 -0.52
CA GLY B 64 -7.90 11.59 0.52
C GLY B 64 -9.22 10.87 0.58
N LYS B 65 -9.33 9.71 -0.07
CA LYS B 65 -10.61 9.05 -0.18
C LYS B 65 -10.91 8.14 1.02
N HIS B 66 -12.21 7.92 1.21
CA HIS B 66 -12.72 6.97 2.17
C HIS B 66 -13.72 6.06 1.48
N SER B 67 -14.81 6.64 0.97
CA SER B 67 -15.73 5.88 0.12
C SER B 67 -15.05 5.34 -1.13
N ARG B 68 -15.37 4.10 -1.49
CA ARG B 68 -14.83 3.52 -2.71
C ARG B 68 -15.36 4.22 -3.95
N THR B 69 -16.69 4.35 -4.06
CA THR B 69 -17.30 4.70 -5.34
C THR B 69 -17.75 6.15 -5.44
N ARG B 70 -17.91 6.84 -4.31
N ARG B 70 -17.86 6.86 -4.35
CA ARG B 70 -18.40 8.21 -4.30
CA ARG B 70 -18.49 8.17 -4.40
C ARG B 70 -17.33 9.17 -4.80
C ARG B 70 -17.42 9.24 -4.61
N TYR B 71 -17.78 10.29 -5.37
CA TYR B 71 -16.91 11.44 -5.58
C TYR B 71 -16.99 12.28 -4.31
N GLU B 72 -15.91 12.31 -3.53
CA GLU B 72 -15.95 12.86 -2.18
C GLU B 72 -15.58 14.33 -2.26
N ARG B 73 -16.57 15.09 -2.70
CA ARG B 73 -16.44 16.52 -2.95
C ARG B 73 -15.91 17.23 -1.71
N ASN B 74 -14.94 18.12 -1.91
CA ASN B 74 -14.30 18.95 -0.90
C ASN B 74 -13.36 18.18 0.02
N ILE B 75 -13.14 16.90 -0.25
CA ILE B 75 -12.27 16.06 0.58
C ILE B 75 -11.20 15.42 -0.29
N GLU B 76 -11.61 14.61 -1.25
CA GLU B 76 -10.61 13.98 -2.10
C GLU B 76 -10.03 14.99 -3.08
N LYS B 77 -8.82 14.69 -3.55
CA LYS B 77 -8.17 15.46 -4.58
C LYS B 77 -7.72 14.51 -5.69
N ILE B 78 -7.90 14.93 -6.93
CA ILE B 78 -7.61 14.11 -8.08
C ILE B 78 -6.45 14.72 -8.84
N SER B 79 -5.44 13.91 -9.14
CA SER B 79 -4.21 14.37 -9.76
C SER B 79 -3.92 13.58 -11.02
N MET B 80 -3.35 14.27 -12.01
N MET B 80 -3.30 14.27 -11.99
CA MET B 80 -2.88 13.65 -13.23
CA MET B 80 -2.80 13.66 -13.20
C MET B 80 -1.42 13.25 -13.08
C MET B 80 -1.39 13.14 -12.98
N LEU B 81 -1.01 12.28 -13.89
N LEU B 81 -0.95 12.24 -13.86
CA LEU B 81 0.35 11.75 -13.81
CA LEU B 81 0.38 11.66 -13.80
C LEU B 81 1.24 12.46 -14.81
C LEU B 81 1.29 12.33 -14.81
N GLU B 82 2.42 12.86 -14.34
CA GLU B 82 3.46 13.34 -15.24
C GLU B 82 4.26 12.19 -15.84
N LYS B 83 4.66 11.22 -15.01
CA LYS B 83 5.53 10.15 -15.50
C LYS B 83 5.46 8.97 -14.56
N ILE B 84 5.47 7.78 -15.16
CA ILE B 84 5.58 6.50 -14.47
C ILE B 84 7.02 6.01 -14.55
N TYR B 85 7.52 5.42 -13.45
CA TYR B 85 8.84 4.79 -13.42
C TYR B 85 8.67 3.40 -12.82
N ILE B 86 8.99 2.37 -13.59
CA ILE B 86 8.91 0.99 -13.14
C ILE B 86 10.32 0.50 -12.87
N HIS B 87 10.49 -0.30 -11.82
CA HIS B 87 11.81 -0.81 -11.52
C HIS B 87 12.37 -1.52 -12.75
N PRO B 88 13.62 -1.25 -13.15
CA PRO B 88 14.15 -1.85 -14.39
C PRO B 88 14.35 -3.35 -14.31
N ARG B 89 14.37 -3.93 -13.11
CA ARG B 89 14.51 -5.37 -12.95
C ARG B 89 13.24 -6.00 -12.39
N TYR B 90 12.11 -5.33 -12.50
CA TYR B 90 10.82 -5.93 -12.18
C TYR B 90 10.62 -7.20 -13.00
N ASN B 91 10.34 -8.29 -12.31
CA ASN B 91 10.22 -9.61 -12.94
C ASN B 91 8.75 -9.99 -13.06
N TRP B 92 8.12 -9.52 -14.14
CA TRP B 92 6.74 -9.89 -14.43
C TRP B 92 6.65 -11.28 -15.07
N ARG B 93 7.79 -11.82 -15.54
N ARG B 93 7.78 -11.82 -15.54
CA ARG B 93 7.77 -13.10 -16.25
CA ARG B 93 7.75 -13.11 -16.24
C ARG B 93 7.55 -14.26 -15.30
C ARG B 93 7.53 -14.26 -15.28
N GLU B 94 8.10 -14.17 -14.08
CA GLU B 94 8.18 -15.32 -13.17
C GLU B 94 7.41 -15.10 -11.88
N ASN B 95 7.86 -14.19 -11.02
CA ASN B 95 7.44 -14.21 -9.62
C ASN B 95 7.20 -12.82 -9.05
N LEU B 96 7.11 -11.79 -9.87
CA LEU B 96 6.87 -10.43 -9.39
C LEU B 96 8.01 -9.94 -8.50
N ASP B 97 9.23 -10.44 -8.69
CA ASP B 97 10.37 -9.88 -7.98
C ASP B 97 10.51 -8.40 -8.32
N ARG B 98 10.76 -7.59 -7.29
CA ARG B 98 10.97 -6.14 -7.44
C ARG B 98 9.70 -5.46 -7.97
N ASP B 99 8.58 -5.77 -7.34
CA ASP B 99 7.26 -5.32 -7.78
C ASP B 99 7.00 -3.91 -7.21
N ILE B 100 7.57 -2.92 -7.89
CA ILE B 100 7.56 -1.55 -7.37
C ILE B 100 7.60 -0.56 -8.53
N ALA B 101 6.86 0.51 -8.36
CA ALA B 101 6.79 1.58 -9.34
C ALA B 101 6.50 2.90 -8.63
N LEU B 102 6.98 3.98 -9.24
CA LEU B 102 6.73 5.33 -8.76
C LEU B 102 5.97 6.10 -9.83
N MET B 103 5.10 7.00 -9.37
N MET B 103 5.18 7.07 -9.37
CA MET B 103 4.40 7.93 -10.24
CA MET B 103 4.39 7.92 -10.26
C MET B 103 4.66 9.34 -9.75
C MET B 103 4.50 9.36 -9.81
N LYS B 104 5.11 10.20 -10.65
CA LYS B 104 5.25 11.63 -10.37
C LYS B 104 3.98 12.36 -10.80
N LEU B 105 3.44 13.17 -9.91
CA LEU B 105 2.23 13.92 -10.21
C LEU B 105 2.57 15.17 -11.01
N LYS B 106 1.61 15.60 -11.84
CA LYS B 106 1.82 16.78 -12.65
C LYS B 106 1.98 18.03 -11.79
N LYS B 107 1.26 18.09 -10.67
CA LYS B 107 1.28 19.24 -9.78
C LYS B 107 1.29 18.72 -8.35
N PRO B 108 1.89 19.44 -7.41
CA PRO B 108 1.87 18.98 -6.02
C PRO B 108 0.46 18.97 -5.46
N VAL B 109 0.19 17.99 -4.62
CA VAL B 109 -1.10 17.92 -3.93
C VAL B 109 -1.00 18.64 -2.59
N ALA B 110 -2.07 19.33 -2.23
CA ALA B 110 -2.13 20.01 -0.95
C ALA B 110 -2.48 19.04 0.16
N PHE B 111 -1.67 19.03 1.21
CA PHE B 111 -1.98 18.18 2.35
C PHE B 111 -3.16 18.74 3.11
N SER B 112 -3.84 17.88 3.86
CA SER B 112 -5.04 18.24 4.61
C SER B 112 -5.21 17.23 5.74
N ASP B 113 -6.34 17.30 6.45
CA ASP B 113 -6.61 16.30 7.47
C ASP B 113 -6.70 14.90 6.89
N TYR B 114 -7.01 14.79 5.59
CA TYR B 114 -7.27 13.52 4.93
C TYR B 114 -6.15 13.09 3.98
N ILE B 115 -5.16 13.95 3.78
CA ILE B 115 -4.11 13.77 2.77
C ILE B 115 -2.79 14.08 3.43
N HIS B 116 -1.92 13.06 3.60
CA HIS B 116 -0.68 13.27 4.32
C HIS B 116 0.26 12.14 3.98
N PRO B 117 1.55 12.38 3.78
CA PRO B 117 2.45 11.31 3.35
C PRO B 117 2.89 10.37 4.47
N VAL B 118 3.17 9.14 4.07
CA VAL B 118 3.76 8.12 4.94
C VAL B 118 5.28 8.21 4.85
N CYS B 119 5.98 7.76 5.88
CA CYS B 119 7.44 7.71 5.83
C CYS B 119 7.91 6.44 5.13
N LEU B 120 9.08 6.52 4.51
CA LEU B 120 9.75 5.32 4.06
C LEU B 120 10.84 4.92 5.06
N PRO B 121 11.03 3.63 5.28
CA PRO B 121 11.96 3.16 6.31
C PRO B 121 13.41 3.39 5.95
N ASP B 122 14.23 3.66 6.94
N ASP B 122 14.19 3.68 7.00
CA ASP B 122 15.65 3.52 6.72
CA ASP B 122 15.64 3.61 7.06
C ASP B 122 16.09 2.17 7.29
C ASP B 122 16.08 2.17 7.33
N ARG B 123 17.39 1.90 7.16
CA ARG B 123 17.89 0.55 7.44
C ARG B 123 17.57 0.12 8.86
N GLU B 124 17.70 1.04 9.81
CA GLU B 124 17.52 0.70 11.21
C GLU B 124 16.06 0.44 11.55
N THR B 125 15.15 1.27 11.01
N THR B 125 15.15 1.22 10.99
CA THR B 125 13.72 1.01 11.13
CA THR B 125 13.75 0.96 11.27
C THR B 125 13.41 -0.40 10.68
C THR B 125 13.29 -0.35 10.63
N ALA B 126 13.81 -0.70 9.44
CA ALA B 126 13.48 -1.99 8.85
C ALA B 126 14.02 -3.14 9.68
N ALA B 127 15.28 -3.03 10.13
CA ALA B 127 15.86 -4.11 10.91
C ALA B 127 15.09 -4.31 12.20
N SER B 128 14.63 -3.22 12.81
N SER B 128 14.66 -3.23 12.84
CA SER B 128 13.96 -3.27 14.10
CA SER B 128 13.95 -3.37 14.10
C SER B 128 12.50 -3.70 14.03
C SER B 128 12.57 -3.98 13.90
N LEU B 129 11.85 -3.54 12.88
CA LEU B 129 10.43 -3.83 12.77
C LEU B 129 10.08 -5.02 11.89
N LEU B 130 10.90 -5.37 10.90
N LEU B 130 10.94 -5.34 10.92
CA LEU B 130 10.49 -6.42 9.96
CA LEU B 130 10.70 -6.45 10.01
C LEU B 130 10.94 -7.80 10.48
C LEU B 130 11.13 -7.73 10.69
N GLN B 131 10.27 -8.22 11.57
CA GLN B 131 10.58 -9.40 12.34
C GLN B 131 9.32 -10.25 12.40
N ALA B 132 9.50 -11.57 12.35
CA ALA B 132 8.35 -12.46 12.44
C ALA B 132 7.57 -12.20 13.71
N GLY B 133 6.24 -12.15 13.57
CA GLY B 133 5.34 -11.88 14.66
C GLY B 133 4.94 -10.44 14.78
N TYR B 134 5.80 -9.52 14.37
CA TYR B 134 5.44 -8.11 14.42
C TYR B 134 4.36 -7.84 13.39
N LYS B 135 3.36 -7.07 13.76
CA LYS B 135 2.21 -6.82 12.90
C LYS B 135 2.33 -5.51 12.16
N GLY B 136 1.87 -5.53 10.91
CA GLY B 136 1.63 -4.34 10.14
C GLY B 136 0.17 -4.25 9.74
N ARG B 137 -0.12 -3.22 8.96
CA ARG B 137 -1.48 -2.88 8.61
C ARG B 137 -1.58 -2.70 7.10
N VAL B 138 -2.60 -3.32 6.52
CA VAL B 138 -2.85 -3.28 5.09
C VAL B 138 -4.20 -2.64 4.86
N THR B 139 -4.28 -1.79 3.85
CA THR B 139 -5.51 -1.05 3.57
C THR B 139 -5.82 -1.08 2.08
N GLY B 140 -7.10 -1.06 1.75
CA GLY B 140 -7.48 -1.01 0.36
C GLY B 140 -8.96 -1.13 0.14
N TRP B 141 -9.33 -0.94 -1.12
CA TRP B 141 -10.71 -1.01 -1.59
C TRP B 141 -10.97 -2.25 -2.42
N GLY B 142 -10.10 -3.24 -2.33
CA GLY B 142 -10.23 -4.45 -3.10
C GLY B 142 -11.32 -5.39 -2.58
N ASN B 143 -11.39 -6.55 -3.22
CA ASN B 143 -12.47 -7.49 -2.94
C ASN B 143 -12.49 -7.93 -1.48
N LEU B 144 -13.71 -8.11 -0.96
CA LEU B 144 -13.92 -8.59 0.39
C LEU B 144 -13.78 -10.11 0.50
N LYS B 145 -13.83 -10.82 -0.62
CA LYS B 145 -13.71 -12.28 -0.64
C LYS B 145 -13.02 -12.68 -1.92
N GLU B 146 -12.38 -13.85 -1.87
CA GLU B 146 -11.69 -14.35 -3.05
C GLU B 146 -12.65 -14.52 -4.21
N THR B 147 -13.83 -15.07 -3.93
CA THR B 147 -14.87 -15.30 -4.94
C THR B 147 -16.15 -14.63 -4.44
N TRP B 148 -16.80 -13.87 -5.32
CA TRP B 148 -18.03 -13.18 -4.96
C TRP B 148 -19.05 -13.30 -6.08
N GLY B 155 -19.12 -8.52 -1.62
CA GLY B 155 -18.22 -8.49 -2.76
C GLY B 155 -17.18 -7.39 -2.70
N GLN B 156 -17.63 -6.15 -2.91
CA GLN B 156 -16.72 -5.00 -2.88
C GLN B 156 -17.19 -4.00 -1.82
N PRO B 157 -16.26 -3.31 -1.15
CA PRO B 157 -16.63 -2.52 0.02
C PRO B 157 -17.20 -1.14 -0.29
N SER B 158 -18.02 -0.65 0.64
CA SER B 158 -18.48 0.73 0.56
C SER B 158 -17.35 1.71 0.86
N VAL B 159 -16.51 1.41 1.86
CA VAL B 159 -15.45 2.32 2.28
C VAL B 159 -14.14 1.54 2.43
N LEU B 160 -13.05 2.30 2.54
CA LEU B 160 -11.72 1.73 2.69
C LEU B 160 -11.70 0.72 3.83
N GLN B 161 -11.05 -0.41 3.58
CA GLN B 161 -10.92 -1.49 4.55
C GLN B 161 -9.51 -1.55 5.12
N VAL B 162 -9.38 -2.07 6.34
N VAL B 162 -9.40 -2.09 6.32
CA VAL B 162 -8.12 -2.15 7.07
CA VAL B 162 -8.17 -2.18 7.08
C VAL B 162 -8.03 -3.50 7.78
C VAL B 162 -8.06 -3.59 7.68
N VAL B 163 -6.84 -4.11 7.73
CA VAL B 163 -6.57 -5.34 8.46
C VAL B 163 -5.14 -5.30 9.00
N ASN B 164 -4.96 -5.78 10.23
CA ASN B 164 -3.63 -5.91 10.83
C ASN B 164 -3.19 -7.36 10.73
N LEU B 165 -1.95 -7.60 10.29
CA LEU B 165 -1.46 -8.94 10.01
C LEU B 165 -0.02 -9.10 10.48
N PRO B 166 0.32 -10.26 11.05
CA PRO B 166 1.70 -10.50 11.47
C PRO B 166 2.63 -10.92 10.34
N ILE B 167 3.86 -10.39 10.39
CA ILE B 167 4.91 -10.87 9.51
C ILE B 167 5.22 -12.32 9.84
N VAL B 168 5.50 -13.12 8.82
CA VAL B 168 5.71 -14.56 8.96
C VAL B 168 7.17 -14.91 8.72
N GLU B 169 7.65 -15.94 9.41
CA GLU B 169 9.02 -16.41 9.26
C GLU B 169 9.27 -16.80 7.81
N ARG B 170 10.44 -16.43 7.30
N ARG B 170 10.45 -16.44 7.29
CA ARG B 170 10.73 -16.69 5.89
CA ARG B 170 10.73 -16.69 5.89
C ARG B 170 10.63 -18.16 5.51
C ARG B 170 10.66 -18.17 5.49
N PRO B 171 11.10 -19.13 6.30
CA PRO B 171 10.92 -20.53 5.88
C PRO B 171 9.47 -20.94 5.75
N VAL B 172 8.59 -20.39 6.60
CA VAL B 172 7.17 -20.67 6.49
C VAL B 172 6.61 -20.06 5.22
N CYS B 173 7.01 -18.82 4.90
CA CYS B 173 6.60 -18.24 3.63
C CYS B 173 7.01 -19.14 2.47
N LYS B 174 8.28 -19.55 2.46
N LYS B 174 8.27 -19.57 2.48
CA LYS B 174 8.79 -20.36 1.35
CA LYS B 174 8.82 -20.36 1.37
C LYS B 174 8.03 -21.68 1.23
C LYS B 174 8.08 -21.69 1.24
N ASP B 175 7.72 -22.30 2.36
CA ASP B 175 7.11 -23.63 2.37
C ASP B 175 5.62 -23.59 2.07
N SER B 176 5.03 -22.40 1.95
CA SER B 176 3.61 -22.26 1.69
C SER B 176 3.28 -22.22 0.21
N THR B 177 4.28 -22.16 -0.66
CA THR B 177 4.05 -21.89 -2.07
C THR B 177 5.11 -22.60 -2.88
N ARG B 178 4.78 -22.83 -4.16
CA ARG B 178 5.77 -23.30 -5.13
C ARG B 178 6.44 -22.16 -5.88
N ILE B 179 5.94 -20.93 -5.76
CA ILE B 179 6.56 -19.79 -6.41
C ILE B 179 7.88 -19.48 -5.71
N ARG B 180 8.89 -19.10 -6.48
CA ARG B 180 10.19 -18.77 -5.93
C ARG B 180 10.14 -17.41 -5.23
N ILE B 181 10.40 -17.43 -3.93
N ILE B 181 10.44 -17.39 -3.96
CA ILE B 181 10.46 -16.21 -3.13
CA ILE B 181 10.41 -16.14 -3.22
C ILE B 181 11.85 -15.58 -3.29
C ILE B 181 11.82 -15.60 -3.09
N THR B 182 11.93 -14.28 -3.03
CA THR B 182 13.22 -13.59 -3.00
C THR B 182 13.30 -12.66 -1.80
N ASP B 183 14.52 -12.17 -1.55
CA ASP B 183 14.75 -11.22 -0.48
C ASP B 183 14.04 -9.90 -0.69
N ASN B 184 13.52 -9.64 -1.89
CA ASN B 184 12.75 -8.43 -2.16
C ASN B 184 11.28 -8.57 -1.83
N MET B 185 10.91 -9.65 -1.15
CA MET B 185 9.54 -9.93 -0.72
C MET B 185 9.56 -10.31 0.75
N PHE B 186 8.44 -10.05 1.44
CA PHE B 186 8.18 -10.71 2.72
C PHE B 186 6.73 -11.17 2.70
N CYS B 187 6.37 -12.07 3.61
CA CYS B 187 4.97 -12.49 3.67
C CYS B 187 4.39 -12.25 5.06
N ALA B 188 3.06 -12.16 5.08
CA ALA B 188 2.34 -11.83 6.30
C ALA B 188 0.97 -12.49 6.27
N GLY B 189 0.45 -12.73 7.47
CA GLY B 189 -0.83 -13.37 7.63
C GLY B 189 -0.82 -14.31 8.80
N TYR B 190 -2.00 -14.72 9.24
CA TYR B 190 -2.12 -15.65 10.35
C TYR B 190 -1.98 -17.09 9.85
N LYS B 191 -1.49 -17.94 10.73
CA LYS B 191 -1.40 -19.37 10.47
C LYS B 191 -2.75 -20.02 10.78
N PRO B 192 -3.03 -21.18 10.19
CA PRO B 192 -4.32 -21.83 10.48
C PRO B 192 -4.60 -22.03 11.97
N ASP B 193 -3.58 -22.34 12.77
CA ASP B 193 -3.78 -22.58 14.20
C ASP B 193 -3.90 -21.31 15.01
N GLU B 194 -3.70 -20.14 14.39
CA GLU B 194 -3.82 -18.89 15.12
C GLU B 194 -5.26 -18.38 15.20
N GLY B 195 -6.21 -19.00 14.51
CA GLY B 195 -7.60 -18.59 14.59
C GLY B 195 -7.94 -17.36 13.76
N LYS B 196 -7.31 -16.23 14.05
CA LYS B 196 -7.60 -14.98 13.36
C LYS B 196 -7.29 -15.12 11.88
N ARG B 197 -7.88 -14.23 11.09
CA ARG B 197 -7.82 -14.31 9.64
C ARG B 197 -7.56 -12.93 9.07
N GLY B 198 -7.44 -12.86 7.75
CA GLY B 198 -7.31 -11.58 7.06
C GLY B 198 -6.25 -11.66 5.97
N ASP B 199 -6.47 -10.89 4.91
CA ASP B 199 -5.56 -10.85 3.77
C ASP B 199 -5.94 -9.69 2.88
N ALA B 200 -5.02 -9.34 1.99
CA ALA B 200 -5.36 -8.51 0.84
C ALA B 200 -6.01 -9.38 -0.24
N CYS B 201 -6.52 -8.73 -1.27
CA CYS B 201 -7.14 -9.47 -2.37
C CYS B 201 -7.10 -8.59 -3.61
N GLU B 202 -7.65 -9.11 -4.71
CA GLU B 202 -7.74 -8.37 -5.96
C GLU B 202 -8.27 -6.96 -5.72
N GLY B 203 -7.60 -5.97 -6.31
CA GLY B 203 -7.92 -4.57 -6.15
C GLY B 203 -7.13 -3.87 -5.05
N ASP B 204 -6.56 -4.63 -4.12
CA ASP B 204 -5.70 -4.05 -3.08
C ASP B 204 -4.25 -3.90 -3.54
N SER B 205 -3.89 -4.54 -4.64
CA SER B 205 -2.57 -4.42 -5.25
C SER B 205 -2.05 -3.00 -5.20
N GLY B 206 -0.79 -2.86 -4.83
CA GLY B 206 -0.14 -1.57 -4.85
C GLY B 206 -0.33 -0.74 -3.62
N GLY B 207 -1.26 -1.11 -2.74
CA GLY B 207 -1.46 -0.38 -1.50
C GLY B 207 -0.39 -0.70 -0.49
N PRO B 208 -0.42 0.02 0.63
CA PRO B 208 0.67 -0.05 1.60
C PRO B 208 0.45 -1.05 2.73
N PHE B 209 1.56 -1.65 3.17
CA PHE B 209 1.69 -2.40 4.42
C PHE B 209 2.51 -1.48 5.31
N VAL B 210 1.90 -0.98 6.38
CA VAL B 210 2.53 0.03 7.23
C VAL B 210 2.70 -0.49 8.64
N MET B 211 3.66 0.10 9.35
CA MET B 211 3.95 -0.23 10.76
C MET B 211 4.18 1.09 11.49
N LYS B 212 3.75 1.16 12.74
CA LYS B 212 3.92 2.37 13.53
C LYS B 212 5.13 2.17 14.42
N SER B 213 6.19 2.91 14.15
CA SER B 213 7.40 2.71 14.94
C SER B 213 7.14 3.03 16.41
N PRO B 214 7.49 2.14 17.34
CA PRO B 214 7.34 2.45 18.76
C PRO B 214 8.45 3.32 19.30
N PHE B 215 9.46 3.62 18.47
CA PHE B 215 10.58 4.47 18.85
C PHE B 215 10.23 5.93 18.64
N ASN B 216 9.58 6.29 17.54
CA ASN B 216 9.29 7.69 17.25
C ASN B 216 7.82 7.95 16.93
N ASN B 217 6.97 6.94 17.04
CA ASN B 217 5.52 7.06 16.90
C ASN B 217 5.10 7.58 15.53
N ARG B 218 5.86 7.25 14.48
CA ARG B 218 5.55 7.57 13.11
C ARG B 218 5.23 6.29 12.33
N TRP B 219 4.38 6.44 11.33
CA TRP B 219 4.06 5.34 10.44
C TRP B 219 5.04 5.25 9.27
N TYR B 220 5.50 4.04 9.03
CA TYR B 220 6.42 3.70 7.95
C TYR B 220 5.81 2.67 7.02
N GLN B 221 6.03 2.86 5.72
CA GLN B 221 5.57 1.87 4.74
C GLN B 221 6.67 0.84 4.51
N MET B 222 6.45 -0.36 5.03
N MET B 222 6.48 -0.35 5.06
CA MET B 222 7.42 -1.44 4.93
CA MET B 222 7.45 -1.42 4.90
C MET B 222 7.17 -2.33 3.73
C MET B 222 7.19 -2.23 3.64
N GLY B 223 5.93 -2.37 3.22
CA GLY B 223 5.60 -3.26 2.13
C GLY B 223 4.63 -2.63 1.15
N ILE B 224 4.49 -3.29 0.00
CA ILE B 224 3.49 -2.99 -1.02
C ILE B 224 2.74 -4.28 -1.30
N VAL B 225 1.41 -4.21 -1.31
CA VAL B 225 0.58 -5.38 -1.65
C VAL B 225 0.98 -5.88 -3.03
N SER B 226 1.48 -7.12 -3.09
CA SER B 226 2.05 -7.66 -4.33
C SER B 226 1.31 -8.89 -4.84
N TRP B 227 1.32 -10.00 -4.12
CA TRP B 227 0.74 -11.22 -4.69
C TRP B 227 0.30 -12.18 -3.61
N GLY B 228 -0.58 -13.09 -4.02
CA GLY B 228 -1.04 -14.16 -3.18
C GLY B 228 -1.75 -15.18 -4.03
N GLU B 229 -1.89 -16.36 -3.48
CA GLU B 229 -2.55 -17.46 -4.17
C GLU B 229 -3.93 -17.59 -3.55
N GLY B 230 -4.93 -17.07 -4.25
CA GLY B 230 -6.23 -16.84 -3.63
C GLY B 230 -6.15 -15.66 -2.68
N CYS B 231 -7.15 -15.58 -1.80
CA CYS B 231 -7.21 -14.55 -0.78
C CYS B 231 -7.68 -15.20 0.51
N ASP B 232 -6.94 -14.99 1.59
CA ASP B 232 -7.30 -15.48 2.92
C ASP B 232 -7.48 -16.99 2.97
N ARG B 233 -6.69 -17.73 2.20
CA ARG B 233 -6.74 -19.19 2.26
C ARG B 233 -5.93 -19.71 3.43
N ASP B 234 -6.45 -20.73 4.12
CA ASP B 234 -5.68 -21.39 5.17
C ASP B 234 -4.38 -21.95 4.61
N GLY B 235 -3.28 -21.66 5.31
CA GLY B 235 -1.98 -22.16 4.93
C GLY B 235 -1.28 -21.38 3.84
N LYS B 236 -1.92 -20.34 3.31
N LYS B 236 -1.92 -20.32 3.34
CA LYS B 236 -1.30 -19.42 2.37
CA LYS B 236 -1.30 -19.41 2.40
C LYS B 236 -1.06 -18.10 3.10
C LYS B 236 -1.10 -18.07 3.08
N TYR B 237 -0.18 -17.27 2.53
CA TYR B 237 0.18 -15.98 3.11
C TYR B 237 0.23 -14.97 1.97
N GLY B 238 -0.01 -13.71 2.31
CA GLY B 238 0.15 -12.66 1.34
C GLY B 238 1.60 -12.23 1.25
N PHE B 239 2.01 -11.87 0.03
CA PHE B 239 3.37 -11.42 -0.25
C PHE B 239 3.41 -9.94 -0.61
N TYR B 240 4.41 -9.27 -0.06
CA TYR B 240 4.55 -7.84 -0.09
C TYR B 240 5.95 -7.48 -0.59
N THR B 241 6.02 -6.46 -1.43
CA THR B 241 7.33 -5.93 -1.85
C THR B 241 8.04 -5.33 -0.66
N HIS B 242 9.32 -5.66 -0.50
CA HIS B 242 10.16 -5.20 0.61
C HIS B 242 10.68 -3.81 0.27
N VAL B 243 10.00 -2.77 0.77
CA VAL B 243 10.29 -1.40 0.38
C VAL B 243 11.73 -1.03 0.69
N PHE B 244 12.19 -1.34 1.90
CA PHE B 244 13.54 -0.92 2.26
C PHE B 244 14.57 -1.51 1.30
N ARG B 245 14.41 -2.77 0.92
CA ARG B 245 15.39 -3.40 0.03
C ARG B 245 15.49 -2.72 -1.31
N LEU B 246 14.45 -1.99 -1.72
CA LEU B 246 14.40 -1.31 -3.00
C LEU B 246 14.52 0.19 -2.84
N LYS B 247 14.91 0.65 -1.66
CA LYS B 247 14.90 2.09 -1.40
C LYS B 247 15.98 2.82 -2.17
N LYS B 248 17.10 2.17 -2.49
CA LYS B 248 18.14 2.85 -3.28
C LYS B 248 17.60 3.21 -4.65
N TRP B 249 16.77 2.34 -5.23
CA TRP B 249 16.15 2.68 -6.52
C TRP B 249 15.15 3.82 -6.37
N ILE B 250 14.32 3.78 -5.33
CA ILE B 250 13.39 4.87 -5.07
C ILE B 250 14.14 6.20 -5.01
N GLN B 251 15.22 6.24 -4.22
N GLN B 251 15.22 6.24 -4.23
CA GLN B 251 15.96 7.48 -4.05
CA GLN B 251 15.96 7.48 -4.05
C GLN B 251 16.63 7.92 -5.35
C GLN B 251 16.62 7.93 -5.36
N LYS B 252 17.12 6.96 -6.14
CA LYS B 252 17.74 7.30 -7.41
C LYS B 252 16.73 7.98 -8.33
N VAL B 253 15.51 7.45 -8.39
CA VAL B 253 14.48 8.03 -9.25
C VAL B 253 14.11 9.42 -8.78
N ILE B 254 13.82 9.57 -7.49
CA ILE B 254 13.39 10.87 -6.98
C ILE B 254 14.52 11.90 -7.11
N ASP B 255 15.76 11.49 -6.86
CA ASP B 255 16.88 12.42 -6.97
C ASP B 255 17.10 12.86 -8.41
N GLN B 256 16.89 11.97 -9.37
CA GLN B 256 17.16 12.28 -10.78
C GLN B 256 16.01 13.07 -11.41
N PHE B 257 14.77 12.74 -11.05
CA PHE B 257 13.60 13.25 -11.75
C PHE B 257 12.73 14.18 -10.92
N GLY B 258 12.98 14.31 -9.62
CA GLY B 258 12.14 15.15 -8.78
C GLY B 258 12.57 16.60 -8.86
N ASP C 2 -20.51 1.71 -11.59
CA ASP C 2 -20.69 1.68 -10.14
C ASP C 2 -20.06 2.90 -9.46
N PHE C 3 -19.19 3.59 -10.19
CA PHE C 3 -18.50 4.76 -9.65
C PHE C 3 -19.24 6.03 -10.02
N GLU C 4 -19.40 6.91 -9.03
CA GLU C 4 -19.95 8.24 -9.30
C GLU C 4 -19.05 8.99 -10.27
N GLU C 5 -19.67 9.69 -11.22
CA GLU C 5 -18.89 10.46 -12.18
C GLU C 5 -18.02 11.48 -11.47
N ILE C 6 -16.81 11.69 -12.00
CA ILE C 6 -15.93 12.71 -11.43
C ILE C 6 -16.01 13.97 -12.27
N PRO C 7 -15.71 15.14 -11.71
CA PRO C 7 -15.77 16.38 -12.48
C PRO C 7 -14.99 16.29 -13.79
N GLU C 8 -15.56 16.88 -14.85
CA GLU C 8 -14.98 16.75 -16.17
C GLU C 8 -13.59 17.37 -16.25
N GLU C 9 -13.28 18.31 -15.36
CA GLU C 9 -11.98 18.98 -15.40
C GLU C 9 -10.83 17.99 -15.25
N TYS C 10 -11.11 16.83 -14.65
CA TYS C 10 -10.05 15.87 -14.41
CB TYS C 10 -10.35 15.03 -13.17
CG TYS C 10 -10.47 15.92 -11.95
CD1 TYS C 10 -9.38 16.66 -11.51
CD2 TYS C 10 -11.68 15.99 -11.29
CE1 TYS C 10 -9.52 17.47 -10.38
CE2 TYS C 10 -11.83 16.81 -10.18
CZ TYS C 10 -10.74 17.55 -9.73
OH TYS C 10 -10.89 18.33 -8.62
S TYS C 10 -10.57 17.78 -7.22
O1 TYS C 10 -10.99 18.81 -6.30
O2 TYS C 10 -11.27 16.56 -6.94
O3 TYS C 10 -8.97 17.60 -7.16
C TYS C 10 -9.89 14.90 -15.55
O TYS C 10 -8.96 14.07 -15.53
HA TYS C 10 -9.23 16.37 -14.29
HB2 TYS C 10 -9.63 14.39 -13.03
HB3 TYS C 10 -11.17 14.54 -13.29
HD1 TYS C 10 -8.56 16.62 -11.95
HD2 TYS C 10 -12.41 15.49 -11.60
HE1 TYS C 10 -8.80 17.96 -10.08
HE2 TYS C 10 -12.64 16.85 -9.74
HO3 TYS C 10 -8.57 17.61 -6.41
N LEU C 11 -10.75 14.99 -16.55
CA LEU C 11 -10.70 14.04 -17.65
C LEU C 11 -10.26 14.72 -18.96
N GLN C 12 -9.87 15.98 -18.87
CA GLN C 12 -9.49 16.73 -20.07
C GLN C 12 -8.01 16.52 -20.40
P PO4 D . 15.32 -12.25 -11.02
O1 PO4 D . 15.06 -10.97 -11.80
O2 PO4 D . 14.09 -12.38 -10.14
O3 PO4 D . 15.46 -13.45 -11.93
O4 PO4 D . 16.58 -12.04 -10.22
NA NA E . -3.93 -17.42 4.88
NA NA F . 10.91 7.17 21.83
C1 NAG G . 4.44 -1.17 -22.85
C1 NAG G . 4.40 -1.09 -22.83
C2 NAG G . 5.18 -2.00 -23.89
C2 NAG G . 5.33 -1.93 -23.67
C3 NAG G . 6.51 -1.35 -24.22
C3 NAG G . 6.57 -1.14 -24.04
C4 NAG G . 6.30 0.09 -24.68
C4 NAG G . 6.15 0.13 -24.79
C5 NAG G . 5.45 0.85 -23.65
C5 NAG G . 5.18 0.94 -23.94
C6 NAG G . 5.04 2.22 -24.15
C6 NAG G . 4.60 2.12 -24.68
C7 NAG G . 6.23 -3.72 -22.47
C7 NAG G . 4.94 -4.28 -23.10
C8 NAG G . 6.30 -5.19 -22.15
C8 NAG G . 5.46 -5.49 -22.37
N2 NAG G . 5.37 -3.38 -23.43
N2 NAG G . 5.69 -3.18 -23.02
O3 NAG G . 7.17 -2.11 -25.24
O3 NAG G . 7.44 -1.93 -24.84
O4 NAG G . 7.55 0.73 -24.83
O4 NAG G . 7.30 0.93 -25.09
O5 NAG G . 4.24 0.15 -23.36
O5 NAG G . 4.06 0.12 -23.55
O6 NAG G . 3.98 2.11 -25.10
O6 NAG G . 3.54 2.73 -23.96
O7 NAG G . 6.91 -2.90 -21.87
O7 NAG G . 3.89 -4.31 -23.73
C1 GOL H . -4.68 -5.37 -9.67
C1 GOL H . -5.30 -4.98 -9.85
O1 GOL H . -6.07 -4.23 -9.00
C2 GOL H . -5.31 -6.68 -9.15
C2 GOL H . -5.41 -6.45 -9.40
O2 GOL H . -5.29 -6.75 -7.77
O2 GOL H . -5.31 -6.56 -8.01
C3 GOL H . -4.48 -7.80 -9.79
C3 GOL H . -4.25 -7.17 -10.13
O3 GOL H . -5.09 -9.00 -9.46
O3 GOL H . -4.40 -6.96 -11.52
N DPN I . -2.22 -15.21 -7.87
CA DPN I . -1.05 -14.63 -8.57
C DPN I . -0.97 -13.12 -8.15
O DPN I . -1.10 -12.83 -6.97
CB DPN I . 0.23 -15.39 -8.18
CG DPN I . 1.46 -14.96 -8.94
CD1 DPN I . 1.54 -15.13 -10.32
CD2 DPN I . 2.53 -14.37 -8.28
CE1 DPN I . 2.67 -14.73 -11.01
CE2 DPN I . 3.66 -13.98 -8.97
CZ DPN I . 3.73 -14.15 -10.34
N PRO J . -0.80 -12.18 -9.09
CA PRO J . -0.79 -10.77 -8.69
C PRO J . -2.07 -10.42 -7.93
O PRO J . -3.16 -10.86 -8.32
CB PRO J . -0.72 -10.01 -10.03
CG PRO J . -0.12 -11.01 -11.00
CD PRO J . -0.68 -12.35 -10.55
N SZ4 K . -1.95 -9.63 -6.86
O SZ4 K . -1.09 -9.35 -1.71
C1 SZ4 K . -3.09 -9.21 -6.05
C2 SZ4 K . -3.07 -9.80 -4.66
C3 SZ4 K . -3.94 -10.82 -4.30
C4 SZ4 K . -3.89 -11.36 -3.02
C5 SZ4 K . -2.96 -10.90 -2.09
C6 SZ4 K . -2.10 -9.89 -2.46
C7 SZ4 K . -0.80 -9.92 -0.44
C8 SZ4 K . -2.16 -9.33 -3.73
#